data_7C9O
#
_entry.id   7C9O
#
_cell.length_a   136.080
_cell.length_b   136.080
_cell.length_c   62.960
_cell.angle_alpha   90.000
_cell.angle_beta   90.000
_cell.angle_gamma   120.000
#
_symmetry.space_group_name_H-M   'P 32 2 1'
#
loop_
_entity.id
_entity.type
_entity.pdbx_description
1 polymer 'Zinc finger protein HD1'
2 polymer 'Nuclear transcription factor Y subunit B-11'
3 polymer 'Nuclear transcription factor Y subunit C-2'
4 polymer 'DNA (25-MER)'
5 polymer 'DNA (25-MER)'
6 water water
#
loop_
_entity_poly.entity_id
_entity_poly.type
_entity_poly.pdbx_seq_one_letter_code
_entity_poly.pdbx_strand_id
1 'polypeptide(L)' HMSGPSLQMSLHFSSMDREARVLRYREKKKARKFEKTIRYETRKAYAEARPRIKGRFAKRSDVQIEV A
2 'polypeptide(L)'
;MSPAKEQDRFLPIANVSRIMKRSLPANAKISKEAKETVQECVSEFISFVTGEASDKCQREKRKTINGDDLLWAMTTLGFE
AYVGPLKSYLNRYRE
;
B
3 'polypeptide(L)'
;HMQEAERASASDFKNHQLPLARIKKIMKADEDVRMISAEAPVLFAKACELFILELTIRSWLHAEENKRRTLQRNDVAAAI
ARTDVFDFLVDIVPREEAKEEPGS
;
C
4 'polydeoxyribonucleotide'
;(DA)(DA)(DC)(DT)(DC)(DA)(DC)(DT)(DC)(DT)(DC)(DA)(DA)(DC)(DC)(DA)(DC)(DA)(DG)(DC)
(DT)(DC)(DG)(DA)(DT)
;
D
5 'polydeoxyribonucleotide'
;(DT)(DT)(DA)(DT)(DC)(DG)(DA)(DG)(DC)(DT)(DG)(DT)(DG)(DG)(DT)(DT)(DG)(DA)(DG)(DA)
(DG)(DT)(DG)(DA)(DG)
;
E
#
# COMPACT_ATOMS: atom_id res chain seq x y z
N SER A 15 -4.88 -21.74 -0.86
CA SER A 15 -4.68 -22.22 -2.22
C SER A 15 -3.20 -22.33 -2.62
N MET A 16 -2.95 -23.05 -3.71
CA MET A 16 -1.60 -23.24 -4.21
C MET A 16 -1.12 -22.03 -5.01
N ASP A 17 -2.02 -21.33 -5.63
CA ASP A 17 -1.66 -20.16 -6.41
C ASP A 17 -1.28 -19.01 -5.49
N ARG A 18 -1.99 -18.83 -4.40
CA ARG A 18 -1.66 -17.75 -3.49
C ARG A 18 -0.25 -17.92 -2.93
N GLU A 19 0.12 -19.16 -2.60
CA GLU A 19 1.42 -19.41 -1.99
C GLU A 19 2.55 -18.99 -2.94
N ALA A 20 2.36 -19.20 -4.24
CA ALA A 20 3.38 -18.79 -5.21
C ALA A 20 3.57 -17.27 -5.18
N ARG A 21 2.47 -16.53 -5.28
CA ARG A 21 2.56 -15.07 -5.32
C ARG A 21 3.09 -14.52 -4.01
N VAL A 22 2.65 -15.09 -2.88
CA VAL A 22 3.13 -14.64 -1.58
C VAL A 22 4.64 -14.85 -1.45
N LEU A 23 5.11 -16.04 -1.86
CA LEU A 23 6.54 -16.31 -1.78
C LEU A 23 7.33 -15.37 -2.69
N ARG A 24 6.81 -15.12 -3.89
CA ARG A 24 7.49 -14.18 -4.79
C ARG A 24 7.54 -12.79 -4.18
N TYR A 25 6.45 -12.37 -3.53
CA TYR A 25 6.42 -11.07 -2.84
C TYR A 25 7.50 -11.00 -1.75
N ARG A 26 7.71 -12.10 -1.04
CA ARG A 26 8.69 -12.09 0.04
C ARG A 26 10.10 -12.09 -0.51
N GLU A 27 10.32 -12.76 -1.63
CA GLU A 27 11.67 -12.76 -2.18
C GLU A 27 11.98 -11.43 -2.84
N LYS A 28 10.99 -10.83 -3.52
CA LYS A 28 11.16 -9.47 -4.00
C LYS A 28 11.49 -8.49 -2.87
N LYS A 29 11.23 -8.88 -1.62
CA LYS A 29 11.48 -7.97 -0.49
C LYS A 29 12.95 -7.63 -0.38
N LYS A 30 13.82 -8.66 -0.36
CA LYS A 30 15.25 -8.44 -0.26
C LYS A 30 15.78 -7.50 -1.36
N ALA A 31 15.03 -7.33 -2.45
CA ALA A 31 15.49 -6.56 -3.60
C ALA A 31 14.94 -5.12 -3.66
N ARG A 32 14.18 -4.67 -2.65
CA ARG A 32 13.67 -3.30 -2.69
C ARG A 32 14.85 -2.33 -2.70
N LYS A 33 14.84 -1.41 -3.64
CA LYS A 33 15.89 -0.40 -3.81
C LYS A 33 15.24 0.97 -3.58
N PHE A 34 15.52 1.57 -2.41
CA PHE A 34 14.89 2.85 -2.06
C PHE A 34 15.73 4.07 -2.42
N GLU A 35 17.01 3.90 -2.73
CA GLU A 35 17.79 5.01 -3.28
C GLU A 35 17.14 5.55 -4.55
N LYS A 36 17.21 6.86 -4.72
CA LYS A 36 16.68 7.53 -5.91
C LYS A 36 17.41 7.04 -7.16
N THR A 37 16.76 6.17 -7.92
CA THR A 37 17.28 5.65 -9.18
C THR A 37 16.69 6.43 -10.33
N ILE A 38 17.51 6.75 -11.30
CA ILE A 38 17.08 7.52 -12.46
C ILE A 38 17.03 6.59 -13.67
N ARG A 39 15.87 6.56 -14.35
CA ARG A 39 15.61 5.60 -15.40
C ARG A 39 15.35 6.23 -16.76
N TYR A 40 15.06 7.52 -16.84
CA TYR A 40 14.94 8.24 -18.11
C TYR A 40 15.96 9.37 -18.11
N GLU A 41 17.22 9.01 -18.33
CA GLU A 41 18.30 9.97 -18.15
C GLU A 41 18.17 11.17 -19.08
N THR A 42 17.42 11.04 -20.18
CA THR A 42 17.15 12.20 -21.01
C THR A 42 16.28 13.19 -20.28
N ARG A 43 15.23 12.70 -19.62
CA ARG A 43 14.27 13.55 -18.92
C ARG A 43 14.93 14.33 -17.79
N LYS A 44 15.99 13.78 -17.20
CA LYS A 44 16.78 14.57 -16.26
C LYS A 44 17.36 15.78 -16.95
N ALA A 45 18.03 15.56 -18.07
CA ALA A 45 18.69 16.63 -18.81
C ALA A 45 17.73 17.80 -19.06
N TYR A 46 16.61 17.52 -19.72
CA TYR A 46 15.65 18.58 -20.02
C TYR A 46 15.18 19.27 -18.75
N ALA A 47 14.85 18.48 -17.72
CA ALA A 47 14.44 19.06 -16.46
C ALA A 47 15.56 19.88 -15.83
N GLU A 48 16.78 19.33 -15.80
CA GLU A 48 17.90 20.00 -15.15
C GLU A 48 18.13 21.38 -15.74
N ALA A 49 18.00 21.50 -17.06
CA ALA A 49 18.21 22.77 -17.74
C ALA A 49 16.89 23.35 -18.24
N ARG A 50 15.94 23.58 -17.32
CA ARG A 50 14.65 24.10 -17.74
C ARG A 50 14.24 25.29 -16.90
N PRO A 51 13.65 26.32 -17.52
CA PRO A 51 13.21 27.50 -16.77
C PRO A 51 12.32 27.15 -15.58
N ARG A 52 12.55 27.85 -14.47
CA ARG A 52 11.82 27.61 -13.23
C ARG A 52 11.41 28.93 -12.60
N ILE A 53 10.12 29.06 -12.29
CA ILE A 53 9.64 30.10 -11.39
C ILE A 53 9.45 29.44 -10.02
N LYS A 54 10.31 29.81 -9.08
CA LYS A 54 10.19 29.34 -7.70
C LYS A 54 10.25 27.81 -7.64
N GLY A 55 11.14 27.23 -8.45
CA GLY A 55 11.29 25.79 -8.49
C GLY A 55 10.38 25.12 -9.49
N ARG A 56 9.19 25.69 -9.69
CA ARG A 56 8.22 25.16 -10.65
C ARG A 56 8.68 25.36 -12.09
N PHE A 57 8.30 24.45 -12.96
CA PHE A 57 8.60 24.60 -14.37
C PHE A 57 7.78 25.72 -14.99
N ALA A 58 8.37 26.39 -15.98
CA ALA A 58 7.72 27.49 -16.68
C ALA A 58 8.30 27.59 -18.07
N LYS A 59 7.61 28.35 -18.93
CA LYS A 59 8.05 28.53 -20.32
C LYS A 59 9.10 29.63 -20.45
N GLN B 7 9.97 4.76 9.83
CA GLN B 7 10.82 4.53 8.66
C GLN B 7 10.29 5.31 7.46
N ASP B 8 11.22 5.89 6.69
CA ASP B 8 10.90 6.67 5.51
C ASP B 8 10.48 5.83 4.33
N ARG B 9 10.45 4.52 4.49
CA ARG B 9 9.96 3.60 3.46
C ARG B 9 8.48 3.33 3.62
N PHE B 10 7.84 3.87 4.65
CA PHE B 10 6.45 3.62 4.98
C PHE B 10 5.61 4.85 4.73
N LEU B 11 4.30 4.65 4.65
CA LEU B 11 3.41 5.79 4.65
C LEU B 11 3.52 6.52 5.99
N PRO B 12 3.40 7.85 6.00
CA PRO B 12 3.54 8.60 7.25
C PRO B 12 2.56 8.16 8.31
N ILE B 13 3.06 7.98 9.53
CA ILE B 13 2.22 7.38 10.58
C ILE B 13 1.07 8.30 10.98
N ALA B 14 1.24 9.62 10.87
CA ALA B 14 0.11 10.50 11.20
C ALA B 14 -1.05 10.28 10.24
N ASN B 15 -0.75 10.14 8.94
CA ASN B 15 -1.84 9.88 8.01
C ASN B 15 -2.50 8.54 8.30
N VAL B 16 -1.70 7.51 8.54
CA VAL B 16 -2.26 6.20 8.85
C VAL B 16 -3.10 6.26 10.13
N SER B 17 -2.53 6.85 11.20
CA SER B 17 -3.26 6.92 12.48
C SER B 17 -4.60 7.62 12.33
N ARG B 18 -4.63 8.75 11.63
CA ARG B 18 -5.88 9.47 11.41
C ARG B 18 -6.93 8.54 10.81
N ILE B 19 -6.52 7.76 9.80
CA ILE B 19 -7.47 6.90 9.10
C ILE B 19 -7.96 5.76 9.99
N MET B 20 -7.08 5.18 10.82
CA MET B 20 -7.64 4.16 11.70
C MET B 20 -8.59 4.79 12.71
N LYS B 21 -8.28 5.98 13.20
CA LYS B 21 -9.14 6.66 14.16
C LYS B 21 -10.52 6.92 13.57
N ARG B 22 -10.57 7.47 12.37
CA ARG B 22 -11.89 7.73 11.81
C ARG B 22 -12.64 6.43 11.50
N SER B 23 -11.94 5.31 11.53
CA SER B 23 -12.54 4.04 11.18
C SER B 23 -13.17 3.36 12.37
N LEU B 24 -13.05 3.94 13.55
CA LEU B 24 -13.41 3.29 14.80
C LEU B 24 -14.42 4.13 15.57
N PRO B 25 -15.25 3.51 16.42
CA PRO B 25 -16.13 4.27 17.30
C PRO B 25 -15.38 5.34 18.06
N ALA B 26 -16.04 6.48 18.26
CA ALA B 26 -15.39 7.66 18.84
C ALA B 26 -14.65 7.34 20.14
N ASN B 27 -15.18 6.40 20.94
CA ASN B 27 -14.54 6.14 22.22
C ASN B 27 -13.31 5.23 22.14
N ALA B 28 -12.92 4.75 20.95
CA ALA B 28 -11.82 3.80 20.85
C ALA B 28 -10.48 4.48 21.06
N LYS B 29 -9.51 3.69 21.54
CA LYS B 29 -8.13 4.13 21.71
C LYS B 29 -7.25 3.19 20.93
N ILE B 30 -6.11 3.70 20.47
CA ILE B 30 -5.20 2.93 19.66
C ILE B 30 -3.81 3.07 20.23
N SER B 31 -3.19 1.95 20.61
CA SER B 31 -1.84 1.97 21.13
C SER B 31 -0.84 2.45 20.09
N LYS B 32 0.26 3.04 20.56
CA LYS B 32 1.33 3.43 19.65
C LYS B 32 1.84 2.24 18.86
N GLU B 33 1.94 1.07 19.52
CA GLU B 33 2.41 -0.13 18.85
C GLU B 33 1.48 -0.53 17.71
N ALA B 34 0.16 -0.51 17.97
CA ALA B 34 -0.81 -0.83 16.93
C ALA B 34 -0.68 0.11 15.74
N LYS B 35 -0.42 1.39 16.00
CA LYS B 35 -0.27 2.30 14.87
C LYS B 35 0.94 1.93 14.03
N GLU B 36 2.06 1.58 14.67
CA GLU B 36 3.26 1.23 13.91
C GLU B 36 3.05 -0.06 13.13
N THR B 37 2.35 -1.03 13.71
CA THR B 37 2.08 -2.29 13.02
C THR B 37 1.20 -2.06 11.77
N VAL B 38 0.15 -1.23 11.90
CA VAL B 38 -0.71 -1.00 10.75
C VAL B 38 0.00 -0.17 9.69
N GLN B 39 0.86 0.76 10.12
CA GLN B 39 1.59 1.57 9.14
C GLN B 39 2.41 0.69 8.22
N GLU B 40 3.17 -0.23 8.81
CA GLU B 40 3.90 -1.20 8.02
C GLU B 40 2.99 -2.01 7.13
N CYS B 41 1.86 -2.49 7.68
CA CYS B 41 0.99 -3.38 6.92
C CYS B 41 0.45 -2.69 5.68
N VAL B 42 -0.12 -1.49 5.84
CA VAL B 42 -0.62 -0.83 4.64
C VAL B 42 0.51 -0.54 3.67
N SER B 43 1.70 -0.23 4.17
CA SER B 43 2.83 -0.03 3.26
C SER B 43 3.14 -1.31 2.50
N GLU B 44 3.16 -2.45 3.21
CA GLU B 44 3.35 -3.72 2.52
C GLU B 44 2.22 -4.02 1.54
N PHE B 45 0.98 -3.62 1.85
CA PHE B 45 -0.12 -3.77 0.90
C PHE B 45 0.22 -3.15 -0.45
N ILE B 46 0.76 -1.94 -0.44
CA ILE B 46 1.17 -1.29 -1.67
C ILE B 46 2.24 -2.12 -2.41
N SER B 47 3.22 -2.64 -1.66
CA SER B 47 4.27 -3.45 -2.30
C SER B 47 3.67 -4.70 -2.93
N PHE B 48 3.01 -5.52 -2.11
CA PHE B 48 2.31 -6.72 -2.54
C PHE B 48 1.53 -6.50 -3.84
N VAL B 49 0.60 -5.55 -3.83
CA VAL B 49 -0.21 -5.35 -5.04
C VAL B 49 0.67 -4.88 -6.20
N THR B 50 1.64 -4.01 -5.93
CA THR B 50 2.42 -3.46 -7.04
C THR B 50 3.18 -4.56 -7.77
N GLY B 51 3.67 -5.56 -7.04
CA GLY B 51 4.43 -6.63 -7.67
C GLY B 51 3.61 -7.45 -8.63
N GLU B 52 2.34 -7.71 -8.28
CA GLU B 52 1.43 -8.40 -9.19
C GLU B 52 1.06 -7.54 -10.39
N ALA B 53 0.73 -6.27 -10.14
CA ALA B 53 0.54 -5.36 -11.27
C ALA B 53 1.80 -5.32 -12.12
N SER B 54 2.96 -5.23 -11.48
CA SER B 54 4.20 -5.15 -12.24
C SER B 54 4.37 -6.39 -13.10
N ASP B 55 4.01 -7.56 -12.57
CA ASP B 55 4.15 -8.78 -13.36
C ASP B 55 3.21 -8.78 -14.56
N LYS B 56 1.94 -8.43 -14.34
CA LYS B 56 0.99 -8.33 -15.45
C LYS B 56 1.56 -7.50 -16.58
N CYS B 57 2.15 -6.34 -16.26
CA CYS B 57 2.68 -5.48 -17.31
C CYS B 57 3.82 -6.17 -18.06
N GLN B 58 4.65 -6.91 -17.34
CA GLN B 58 5.72 -7.65 -18.02
C GLN B 58 5.14 -8.66 -18.99
N ARG B 59 4.18 -9.46 -18.54
CA ARG B 59 3.62 -10.47 -19.42
C ARG B 59 2.99 -9.83 -20.65
N GLU B 60 2.24 -8.76 -20.45
CA GLU B 60 1.57 -8.06 -21.53
C GLU B 60 2.47 -7.01 -22.18
N LYS B 61 3.75 -6.96 -21.81
CA LYS B 61 4.75 -6.13 -22.48
C LYS B 61 4.30 -4.67 -22.61
N ARG B 62 3.87 -4.09 -21.48
CA ARG B 62 3.66 -2.65 -21.35
C ARG B 62 4.58 -2.10 -20.28
N LYS B 63 4.81 -0.79 -20.33
CA LYS B 63 5.76 -0.16 -19.41
C LYS B 63 5.11 0.66 -18.32
N THR B 64 3.80 0.92 -18.41
CA THR B 64 3.08 1.76 -17.47
C THR B 64 2.16 0.90 -16.63
N ILE B 65 2.28 0.99 -15.31
CA ILE B 65 1.27 0.39 -14.44
C ILE B 65 0.10 1.36 -14.39
N ASN B 66 -1.07 0.89 -14.79
CA ASN B 66 -2.21 1.79 -14.76
C ASN B 66 -3.25 1.28 -13.77
N GLY B 67 -4.37 2.00 -13.71
CA GLY B 67 -5.38 1.72 -12.70
C GLY B 67 -5.99 0.34 -12.85
N ASP B 68 -6.19 -0.09 -14.10
CA ASP B 68 -6.73 -1.42 -14.34
C ASP B 68 -5.75 -2.50 -13.89
N ASP B 69 -4.45 -2.29 -14.10
CA ASP B 69 -3.48 -3.26 -13.64
C ASP B 69 -3.56 -3.42 -12.13
N LEU B 70 -3.77 -2.31 -11.41
CA LEU B 70 -3.90 -2.41 -9.97
C LEU B 70 -5.15 -3.19 -9.59
N LEU B 71 -6.27 -2.94 -10.28
CA LEU B 71 -7.52 -3.62 -9.93
C LEU B 71 -7.46 -5.10 -10.30
N TRP B 72 -6.83 -5.44 -11.43
CA TRP B 72 -6.62 -6.86 -11.70
C TRP B 72 -5.81 -7.49 -10.57
N ALA B 73 -4.70 -6.86 -10.19
CA ALA B 73 -3.83 -7.42 -9.14
C ALA B 73 -4.58 -7.58 -7.84
N MET B 74 -5.41 -6.60 -7.48
CA MET B 74 -6.14 -6.70 -6.23
C MET B 74 -7.15 -7.84 -6.30
N THR B 75 -7.74 -8.07 -7.49
CA THR B 75 -8.73 -9.13 -7.62
C THR B 75 -8.10 -10.51 -7.43
N THR B 76 -6.96 -10.76 -8.07
CA THR B 76 -6.32 -12.05 -7.94
C THR B 76 -5.56 -12.23 -6.63
N LEU B 77 -5.48 -11.21 -5.77
CA LEU B 77 -4.84 -11.39 -4.48
C LEU B 77 -5.84 -11.43 -3.33
N GLY B 78 -7.14 -11.42 -3.62
CA GLY B 78 -8.15 -11.60 -2.59
C GLY B 78 -8.96 -10.37 -2.27
N PHE B 79 -8.75 -9.26 -2.98
CA PHE B 79 -9.30 -7.96 -2.62
C PHE B 79 -10.41 -7.53 -3.57
N GLU B 80 -11.12 -8.47 -4.19
CA GLU B 80 -12.20 -8.10 -5.11
C GLU B 80 -13.18 -7.15 -4.46
N ALA B 81 -13.41 -7.30 -3.16
CA ALA B 81 -14.38 -6.44 -2.49
C ALA B 81 -14.02 -4.96 -2.64
N TYR B 82 -12.74 -4.63 -2.76
CA TYR B 82 -12.37 -3.24 -2.96
C TYR B 82 -12.73 -2.76 -4.37
N VAL B 83 -12.65 -3.63 -5.35
CA VAL B 83 -12.70 -3.21 -6.75
C VAL B 83 -13.93 -2.38 -7.06
N GLY B 84 -15.10 -2.82 -6.62
CA GLY B 84 -16.33 -2.08 -6.83
C GLY B 84 -16.21 -0.64 -6.38
N PRO B 85 -16.11 -0.44 -5.06
CA PRO B 85 -15.89 0.92 -4.53
C PRO B 85 -14.83 1.71 -5.26
N LEU B 86 -13.71 1.07 -5.62
CA LEU B 86 -12.64 1.81 -6.29
C LEU B 86 -13.13 2.37 -7.63
N LYS B 87 -13.57 1.49 -8.54
CA LYS B 87 -14.15 1.94 -9.81
C LYS B 87 -15.12 3.10 -9.60
N SER B 88 -16.03 2.96 -8.65
CA SER B 88 -17.01 4.00 -8.41
C SER B 88 -16.35 5.30 -7.94
N TYR B 89 -15.18 5.21 -7.32
CA TYR B 89 -14.51 6.40 -6.79
C TYR B 89 -13.77 7.20 -7.88
N LEU B 90 -13.41 6.56 -9.00
CA LEU B 90 -12.65 7.26 -10.04
C LEU B 90 -13.51 8.32 -10.75
N ASN B 91 -14.81 8.08 -10.86
CA ASN B 91 -15.73 9.02 -11.48
C ASN B 91 -16.21 10.12 -10.52
N HIS C 16 -5.88 13.88 -0.96
CA HIS C 16 -6.91 14.04 0.06
C HIS C 16 -6.33 13.59 1.40
N GLN C 17 -5.92 12.34 1.46
CA GLN C 17 -5.52 11.78 2.75
C GLN C 17 -4.06 11.40 2.70
N LEU C 18 -3.77 10.31 2.07
CA LEU C 18 -2.41 9.81 2.04
C LEU C 18 -1.64 10.54 0.95
N PRO C 19 -0.35 10.82 1.17
CA PRO C 19 0.44 11.56 0.18
C PRO C 19 0.87 10.65 -0.96
N LEU C 20 0.54 11.08 -2.18
CA LEU C 20 0.79 10.21 -3.34
C LEU C 20 2.27 9.98 -3.55
N ALA C 21 3.11 10.97 -3.25
CA ALA C 21 4.55 10.79 -3.45
C ALA C 21 5.04 9.59 -2.66
N ARG C 22 4.55 9.41 -1.44
CA ARG C 22 5.07 8.32 -0.66
C ARG C 22 4.50 6.99 -1.13
N ILE C 23 3.25 6.97 -1.59
CA ILE C 23 2.74 5.81 -2.30
C ILE C 23 3.64 5.50 -3.50
N LYS C 24 3.91 6.52 -4.34
CA LYS C 24 4.72 6.29 -5.53
C LYS C 24 6.11 5.78 -5.15
N LYS C 25 6.68 6.30 -4.07
CA LYS C 25 8.03 5.91 -3.72
C LYS C 25 8.08 4.43 -3.33
N ILE C 26 7.05 3.93 -2.64
CA ILE C 26 7.02 2.50 -2.31
C ILE C 26 6.88 1.68 -3.57
N MET C 27 6.03 2.11 -4.49
CA MET C 27 5.90 1.44 -5.78
C MET C 27 7.26 1.34 -6.44
N LYS C 28 7.97 2.46 -6.55
CA LYS C 28 9.21 2.50 -7.32
C LYS C 28 10.38 1.80 -6.62
N ALA C 29 10.21 1.32 -5.39
CA ALA C 29 11.25 0.48 -4.78
C ALA C 29 11.32 -0.90 -5.42
N ASP C 30 10.31 -1.28 -6.18
CA ASP C 30 10.33 -2.51 -6.97
C ASP C 30 11.09 -2.17 -8.26
N GLU C 31 12.20 -2.87 -8.52
CA GLU C 31 13.01 -2.56 -9.69
C GLU C 31 12.29 -2.84 -11.00
N ASP C 32 11.26 -3.68 -10.98
CA ASP C 32 10.54 -4.02 -12.21
C ASP C 32 9.62 -2.88 -12.68
N VAL C 33 9.11 -2.03 -11.78
CA VAL C 33 8.15 -1.04 -12.26
C VAL C 33 8.91 0.02 -13.04
N ARG C 34 8.30 0.46 -14.14
CA ARG C 34 8.96 1.42 -15.00
C ARG C 34 8.16 2.71 -14.95
N MET C 35 7.08 2.78 -15.72
CA MET C 35 6.22 3.94 -15.63
C MET C 35 5.02 3.62 -14.78
N ILE C 36 4.48 4.67 -14.17
CA ILE C 36 3.28 4.62 -13.34
C ILE C 36 2.32 5.66 -13.88
N SER C 37 1.07 5.27 -14.08
CA SER C 37 0.08 6.18 -14.61
C SER C 37 -0.33 7.19 -13.55
N ALA C 38 -0.89 8.31 -14.01
CA ALA C 38 -1.23 9.38 -13.08
C ALA C 38 -2.29 8.95 -12.08
N GLU C 39 -3.21 8.10 -12.48
CA GLU C 39 -4.29 7.69 -11.61
C GLU C 39 -3.97 6.56 -10.68
N ALA C 40 -2.91 5.84 -10.93
CA ALA C 40 -2.58 4.69 -10.08
C ALA C 40 -2.37 5.09 -8.62
N PRO C 41 -1.55 6.09 -8.28
CA PRO C 41 -1.43 6.46 -6.86
C PRO C 41 -2.72 7.01 -6.33
N VAL C 42 -3.53 7.65 -7.17
CA VAL C 42 -4.83 8.13 -6.73
C VAL C 42 -5.70 6.95 -6.32
N LEU C 43 -5.77 5.93 -7.18
CA LEU C 43 -6.51 4.73 -6.84
C LEU C 43 -5.92 4.07 -5.60
N PHE C 44 -4.59 3.97 -5.55
CA PHE C 44 -3.95 3.28 -4.45
C PHE C 44 -4.27 3.95 -3.12
N ALA C 45 -4.31 5.28 -3.10
CA ALA C 45 -4.57 5.96 -1.83
C ALA C 45 -5.94 5.62 -1.29
N LYS C 46 -6.96 5.53 -2.18
CA LYS C 46 -8.26 5.05 -1.75
C LYS C 46 -8.19 3.60 -1.28
N ALA C 47 -7.47 2.75 -2.03
CA ALA C 47 -7.42 1.34 -1.64
C ALA C 47 -6.77 1.17 -0.29
N CYS C 48 -5.75 1.99 0.02
CA CYS C 48 -5.16 1.95 1.34
C CYS C 48 -6.18 2.31 2.42
N GLU C 49 -7.09 3.25 2.13
CA GLU C 49 -8.08 3.62 3.15
C GLU C 49 -9.06 2.49 3.41
N LEU C 50 -9.44 1.76 2.35
CA LEU C 50 -10.27 0.58 2.54
C LEU C 50 -9.50 -0.51 3.30
N PHE C 51 -8.19 -0.64 3.02
CA PHE C 51 -7.36 -1.63 3.70
C PHE C 51 -7.18 -1.27 5.17
N ILE C 52 -6.80 -0.01 5.43
CA ILE C 52 -6.59 0.40 6.81
C ILE C 52 -7.87 0.23 7.60
N LEU C 53 -9.01 0.55 6.99
CA LEU C 53 -10.30 0.39 7.67
C LEU C 53 -10.55 -1.07 8.03
N GLU C 54 -10.48 -1.96 7.06
CA GLU C 54 -10.75 -3.37 7.35
C GLU C 54 -9.77 -3.92 8.39
N LEU C 55 -8.47 -3.70 8.21
CA LEU C 55 -7.52 -4.20 9.21
C LEU C 55 -7.77 -3.62 10.59
N THR C 56 -8.13 -2.33 10.66
CA THR C 56 -8.34 -1.72 11.97
C THR C 56 -9.63 -2.23 12.63
N ILE C 57 -10.71 -2.35 11.87
CA ILE C 57 -11.96 -2.81 12.47
C ILE C 57 -11.84 -4.25 12.93
N ARG C 58 -11.17 -5.10 12.14
CA ARG C 58 -11.03 -6.49 12.56
C ARG C 58 -10.14 -6.61 13.79
N SER C 59 -9.10 -5.76 13.89
CA SER C 59 -8.33 -5.66 15.14
C SER C 59 -9.21 -5.22 16.30
N TRP C 60 -10.05 -4.23 16.05
CA TRP C 60 -10.96 -3.71 17.07
C TRP C 60 -11.84 -4.82 17.61
N LEU C 61 -12.38 -5.63 16.71
CA LEU C 61 -13.21 -6.77 17.09
C LEU C 61 -12.52 -7.59 18.18
N HIS C 62 -11.27 -8.00 17.94
CA HIS C 62 -10.53 -8.76 18.94
C HIS C 62 -10.40 -7.98 20.25
N ALA C 63 -10.04 -6.71 20.19
CA ALA C 63 -9.97 -5.91 21.41
C ALA C 63 -11.30 -5.90 22.12
N GLU C 64 -12.38 -5.63 21.39
CA GLU C 64 -13.72 -5.69 21.96
C GLU C 64 -13.99 -7.05 22.64
N GLU C 65 -13.64 -8.13 21.96
CA GLU C 65 -13.93 -9.46 22.52
C GLU C 65 -13.19 -9.70 23.83
N ASN C 66 -12.01 -9.10 24.00
CA ASN C 66 -11.25 -9.18 25.24
C ASN C 66 -11.60 -8.06 26.23
N LYS C 67 -12.77 -7.45 26.09
CA LYS C 67 -13.21 -6.37 26.98
C LYS C 67 -12.16 -5.26 27.12
N ARG C 68 -11.65 -4.79 25.98
CA ARG C 68 -10.69 -3.69 25.96
C ARG C 68 -11.09 -2.62 24.94
N ARG C 69 -10.70 -1.38 25.23
CA ARG C 69 -10.97 -0.23 24.36
C ARG C 69 -9.74 0.25 23.62
N THR C 70 -8.54 -0.18 24.04
CA THR C 70 -7.28 0.21 23.43
C THR C 70 -6.88 -0.91 22.51
N LEU C 71 -6.93 -0.68 21.19
CA LEU C 71 -6.37 -1.65 20.26
C LEU C 71 -4.89 -1.80 20.52
N GLN C 72 -4.45 -3.03 20.73
CA GLN C 72 -3.06 -3.37 20.97
C GLN C 72 -2.52 -4.17 19.78
N ARG C 73 -1.19 -4.33 19.75
CA ARG C 73 -0.56 -5.05 18.66
C ARG C 73 -1.13 -6.44 18.48
N ASN C 74 -1.35 -7.17 19.58
CA ASN C 74 -1.83 -8.55 19.48
C ASN C 74 -3.21 -8.62 18.86
N ASP C 75 -4.02 -7.55 19.03
CA ASP C 75 -5.28 -7.43 18.29
C ASP C 75 -5.03 -7.40 16.78
N VAL C 76 -4.07 -6.60 16.33
CA VAL C 76 -3.77 -6.59 14.90
C VAL C 76 -3.29 -7.96 14.46
N ALA C 77 -2.49 -8.62 15.30
CA ALA C 77 -2.01 -9.96 14.96
C ALA C 77 -3.16 -10.93 14.85
N ALA C 78 -4.02 -10.93 15.87
CA ALA C 78 -5.27 -11.69 15.81
C ALA C 78 -6.02 -11.44 14.49
N ALA C 79 -6.24 -10.17 14.12
CA ALA C 79 -6.93 -9.92 12.85
C ALA C 79 -6.19 -10.54 11.68
N ILE C 80 -4.86 -10.45 11.70
CA ILE C 80 -4.07 -10.95 10.57
C ILE C 80 -4.14 -12.47 10.48
N ALA C 81 -4.11 -13.15 11.62
CA ALA C 81 -4.18 -14.62 11.60
C ALA C 81 -5.53 -15.11 11.10
N ARG C 82 -6.61 -14.42 11.49
CA ARG C 82 -7.97 -14.88 11.24
C ARG C 82 -8.45 -14.61 9.83
N THR C 83 -7.81 -13.72 9.07
CA THR C 83 -8.37 -13.20 7.83
C THR C 83 -7.49 -13.59 6.65
N ASP C 84 -8.03 -14.37 5.72
CA ASP C 84 -7.19 -14.96 4.69
C ASP C 84 -6.52 -13.90 3.84
N VAL C 85 -7.26 -12.85 3.50
CA VAL C 85 -6.71 -11.76 2.71
C VAL C 85 -5.43 -11.17 3.31
N PHE C 86 -5.25 -11.35 4.60
CA PHE C 86 -4.12 -10.78 5.33
C PHE C 86 -3.01 -11.77 5.56
N ASP C 87 -3.13 -12.91 4.93
CA ASP C 87 -2.14 -13.97 5.02
C ASP C 87 -0.71 -13.63 4.69
N PHE C 88 -0.47 -12.68 3.80
CA PHE C 88 0.85 -12.25 3.43
C PHE C 88 1.63 -11.51 4.49
N LEU C 89 0.94 -11.00 5.50
CA LEU C 89 1.55 -10.25 6.55
C LEU C 89 1.83 -11.08 7.76
N VAL C 90 1.60 -12.37 7.70
CA VAL C 90 1.82 -13.20 8.88
C VAL C 90 3.21 -13.27 9.49
N ASP C 91 4.23 -13.01 8.72
CA ASP C 91 5.54 -13.02 9.26
C ASP C 91 5.99 -11.63 9.66
N ILE C 92 5.12 -10.64 9.56
CA ILE C 92 5.54 -9.30 9.88
C ILE C 92 5.27 -8.96 11.32
N VAL C 93 4.21 -9.53 11.85
CA VAL C 93 3.82 -9.23 13.19
C VAL C 93 4.92 -9.57 14.16
N PRO C 94 5.29 -10.84 14.20
CA PRO C 94 6.37 -11.28 15.08
C PRO C 94 7.73 -10.68 14.72
N ARG C 95 8.03 -9.52 15.29
CA ARG C 95 9.29 -8.82 15.08
C ARG C 95 9.65 -8.72 13.62
#